data_4JE1
#
_entry.id   4JE1
#
_cell.length_a   38.910
_cell.length_b   44.290
_cell.length_c   53.080
_cell.angle_alpha   88.13
_cell.angle_beta   101.34
_cell.angle_gamma   115.10
#
_symmetry.space_group_name_H-M   'P 1'
#
loop_
_entity.id
_entity.type
_entity.pdbx_description
1 polymer 'Probable thiol peroxidase'
2 non-polymer 1,2-ETHANEDIOL
3 water water
#
_entity_poly.entity_id   1
_entity_poly.type   'polypeptide(L)'
_entity_poly.pdbx_seq_one_letter_code
;MAHHHHHHMSKVTLGGNPIDLAGTFPAVGAQAADFKLVGKDLADLSLASFAGKRKVLNIVPSLDTPTCATSTRKFNEAAS
SLDNTVVIVVSADLPFAATRFCTTEGLANVVTASTFRTGRAFANAYGVDVTSGPLNGLTARAVVVLDAQDKVIHAELVGE
IKDEPNYDAALAALK
;
_entity_poly.pdbx_strand_id   A,B
#
loop_
_chem_comp.id
_chem_comp.type
_chem_comp.name
_chem_comp.formula
EDO non-polymer 1,2-ETHANEDIOL 'C2 H6 O2'
#
# COMPACT_ATOMS: atom_id res chain seq x y z
N ALA A 2 13.11 46.45 12.52
CA ALA A 2 11.66 46.17 12.39
C ALA A 2 11.34 44.74 12.81
N HIS A 3 10.06 44.49 13.05
CA HIS A 3 9.60 43.14 13.36
C HIS A 3 9.28 42.45 12.07
N HIS A 4 9.59 41.15 12.02
CA HIS A 4 9.30 40.32 10.86
C HIS A 4 8.37 39.21 11.27
N HIS A 5 7.25 39.09 10.56
CA HIS A 5 6.29 38.05 10.87
C HIS A 5 6.93 36.69 10.63
N HIS A 6 6.59 35.73 11.49
CA HIS A 6 7.05 34.36 11.31
C HIS A 6 6.41 33.80 10.04
N HIS A 7 7.22 33.12 9.24
CA HIS A 7 6.74 32.56 7.99
C HIS A 7 5.79 31.40 8.27
N HIS A 8 4.67 31.36 7.53
CA HIS A 8 3.83 30.17 7.52
C HIS A 8 4.66 29.07 6.86
N MET A 9 4.54 27.85 7.39
CA MET A 9 5.35 26.74 6.87
C MET A 9 5.13 26.59 5.37
N SER A 10 6.24 26.49 4.64
CA SER A 10 6.20 26.29 3.20
C SER A 10 5.73 24.86 2.89
N LYS A 11 5.48 24.60 1.60
CA LYS A 11 5.18 23.24 1.13
C LYS A 11 6.29 22.33 1.62
N VAL A 12 5.93 21.11 2.00
CA VAL A 12 6.90 20.05 2.23
C VAL A 12 7.66 19.84 0.92
N THR A 13 8.93 19.47 1.06
CA THR A 13 9.75 19.16 -0.07
C THR A 13 10.20 17.69 -0.04
N LEU A 14 10.48 17.16 -1.24
CA LEU A 14 11.08 15.86 -1.44
C LEU A 14 12.37 16.07 -2.22
N GLY A 15 13.49 15.82 -1.59
CA GLY A 15 14.78 16.13 -2.22
C GLY A 15 14.91 17.58 -2.63
N GLY A 16 14.29 18.48 -1.86
CA GLY A 16 14.29 19.91 -2.15
C GLY A 16 13.16 20.37 -3.05
N ASN A 17 12.40 19.44 -3.63
CA ASN A 17 11.35 19.75 -4.58
C ASN A 17 10.01 19.91 -3.87
N PRO A 18 9.34 21.06 -4.03
CA PRO A 18 7.99 21.15 -3.44
C PRO A 18 7.05 20.05 -3.92
N ILE A 19 6.24 19.54 -2.99
CA ILE A 19 5.19 18.56 -3.28
C ILE A 19 3.87 19.08 -2.73
N ASP A 20 2.79 18.54 -3.23
CA ASP A 20 1.45 18.95 -2.82
C ASP A 20 0.91 17.98 -1.77
N LEU A 21 0.38 18.52 -0.68
CA LEU A 21 -0.30 17.77 0.37
CA LEU A 21 -0.29 17.75 0.37
C LEU A 21 -1.73 18.23 0.49
N ALA A 22 -2.65 17.28 0.65
CA ALA A 22 -4.06 17.60 0.89
C ALA A 22 -4.42 17.38 2.37
N GLY A 23 -5.44 18.09 2.82
CA GLY A 23 -5.89 18.03 4.19
C GLY A 23 -5.18 19.03 5.07
N THR A 24 -5.62 19.12 6.32
CA THR A 24 -5.08 20.07 7.28
C THR A 24 -4.35 19.31 8.40
N PHE A 25 -3.09 19.63 8.59
CA PHE A 25 -2.24 18.97 9.58
C PHE A 25 -2.71 19.43 10.96
N PRO A 26 -2.77 18.50 11.93
CA PRO A 26 -3.35 18.88 13.23
C PRO A 26 -2.49 19.83 14.04
N ALA A 27 -3.13 20.69 14.82
CA ALA A 27 -2.43 21.59 15.73
C ALA A 27 -2.45 21.04 17.15
N VAL A 28 -1.42 21.39 17.90
CA VAL A 28 -1.36 21.08 19.32
C VAL A 28 -2.61 21.64 19.98
N GLY A 29 -3.22 20.83 20.84
CA GLY A 29 -4.46 21.17 21.53
C GLY A 29 -5.72 20.62 20.89
N ALA A 30 -5.65 20.22 19.64
CA ALA A 30 -6.82 19.68 18.94
C ALA A 30 -7.07 18.23 19.33
N GLN A 31 -8.31 17.78 19.20
CA GLN A 31 -8.65 16.37 19.31
C GLN A 31 -8.26 15.66 18.03
N ALA A 32 -7.56 14.55 18.19
CA ALA A 32 -7.09 13.77 17.05
C ALA A 32 -8.26 13.20 16.25
N ALA A 33 -8.15 13.23 14.92
CA ALA A 33 -9.09 12.55 14.06
C ALA A 33 -8.98 11.04 14.22
N ASP A 34 -10.09 10.34 14.18
CA ASP A 34 -10.06 8.90 14.28
C ASP A 34 -9.75 8.31 12.91
N PHE A 35 -9.59 7.01 12.87
CA PHE A 35 -9.16 6.30 11.69
C PHE A 35 -9.53 4.83 11.78
N LYS A 36 -9.44 4.13 10.67
CA LYS A 36 -9.59 2.69 10.64
C LYS A 36 -8.42 2.21 9.79
N LEU A 37 -7.36 1.79 10.48
CA LEU A 37 -6.13 1.34 9.85
C LEU A 37 -6.03 -0.18 10.01
N VAL A 38 -5.11 -0.83 9.32
CA VAL A 38 -5.05 -2.29 9.35
C VAL A 38 -3.77 -2.78 10.01
N GLY A 39 -3.93 -3.62 11.03
CA GLY A 39 -2.80 -4.18 11.73
C GLY A 39 -2.19 -5.38 11.04
N LYS A 40 -1.14 -5.92 11.67
CA LYS A 40 -0.36 -6.99 11.08
C LYS A 40 -1.14 -8.27 10.83
N ASP A 41 -2.27 -8.44 11.52
CA ASP A 41 -3.17 -9.59 11.38
C ASP A 41 -4.39 -9.32 10.49
N LEU A 42 -4.37 -8.20 9.78
CA LEU A 42 -5.42 -7.78 8.85
C LEU A 42 -6.70 -7.31 9.52
N ALA A 43 -6.65 -7.14 10.84
CA ALA A 43 -7.79 -6.59 11.59
C ALA A 43 -7.72 -5.06 11.61
N ASP A 44 -8.86 -4.43 11.80
CA ASP A 44 -8.95 -2.98 11.91
C ASP A 44 -8.50 -2.46 13.28
N LEU A 45 -7.85 -1.31 13.24
CA LEU A 45 -7.39 -0.56 14.40
C LEU A 45 -7.95 0.84 14.33
N SER A 46 -8.40 1.36 15.46
CA SER A 46 -8.87 2.75 15.57
C SER A 46 -8.37 3.33 16.88
N LEU A 47 -8.70 4.59 17.17
CA LEU A 47 -8.28 5.15 18.46
C LEU A 47 -8.79 4.31 19.64
N ALA A 48 -9.98 3.73 19.51
CA ALA A 48 -10.53 2.89 20.57
C ALA A 48 -9.69 1.65 20.90
N SER A 49 -8.89 1.21 19.94
CA SER A 49 -8.01 0.05 20.14
C SER A 49 -6.94 0.32 21.19
N PHE A 50 -6.70 1.60 21.46
CA PHE A 50 -5.60 2.07 22.33
C PHE A 50 -6.14 2.98 23.43
N ALA A 51 -7.36 2.71 23.88
CA ALA A 51 -8.09 3.62 24.76
C ALA A 51 -7.29 3.92 26.04
N GLY A 52 -7.13 5.19 26.36
CA GLY A 52 -6.45 5.61 27.57
C GLY A 52 -4.94 5.67 27.52
N LYS A 53 -4.36 5.19 26.43
CA LYS A 53 -2.90 5.26 26.26
C LYS A 53 -2.49 6.58 25.62
N ARG A 54 -1.29 7.03 25.94
CA ARG A 54 -0.64 8.01 25.08
C ARG A 54 -0.27 7.29 23.80
N LYS A 55 -0.34 7.99 22.69
CA LYS A 55 -0.08 7.40 21.36
C LYS A 55 0.93 8.22 20.59
N VAL A 56 1.91 7.56 20.00
CA VAL A 56 2.81 8.20 19.05
C VAL A 56 2.43 7.69 17.70
N LEU A 57 1.96 8.59 16.84
CA LEU A 57 1.71 8.25 15.43
C LEU A 57 2.95 8.65 14.64
N ASN A 58 3.72 7.65 14.25
CA ASN A 58 4.95 7.84 13.49
C ASN A 58 4.57 7.54 12.04
N ILE A 59 4.38 8.60 11.26
CA ILE A 59 3.77 8.54 9.93
C ILE A 59 4.85 8.63 8.87
N VAL A 60 4.92 7.63 7.99
CA VAL A 60 6.08 7.41 7.14
CA VAL A 60 6.05 7.54 7.07
C VAL A 60 5.63 7.10 5.70
N PRO A 61 6.28 7.65 4.66
CA PRO A 61 5.88 7.25 3.30
C PRO A 61 5.92 5.75 3.07
N SER A 62 7.04 5.13 3.44
CA SER A 62 7.11 3.68 3.46
C SER A 62 8.12 3.20 4.47
N LEU A 63 7.77 2.13 5.16
CA LEU A 63 8.63 1.44 6.11
C LEU A 63 9.43 0.32 5.47
N ASP A 64 9.14 0.02 4.21
CA ASP A 64 9.66 -1.17 3.52
C ASP A 64 10.94 -0.80 2.83
N THR A 65 11.99 -0.78 3.63
CA THR A 65 13.34 -0.47 3.18
C THR A 65 14.29 -1.34 4.00
N PRO A 66 15.44 -1.75 3.41
CA PRO A 66 16.36 -2.60 4.16
C PRO A 66 17.31 -1.84 5.08
N THR A 67 17.38 -0.53 4.93
CA THR A 67 18.29 0.28 5.73
C THR A 67 17.54 1.48 6.29
N CYS A 68 17.86 1.84 7.53
CA CYS A 68 17.15 2.91 8.21
C CYS A 68 17.97 3.54 9.30
N ALA A 69 17.49 4.70 9.75
CA ALA A 69 18.18 5.49 10.76
C ALA A 69 18.13 4.83 12.12
N THR A 70 19.28 4.69 12.75
CA THR A 70 19.35 4.25 14.12
C THR A 70 18.50 5.14 15.05
N SER A 71 18.49 6.45 14.78
CA SER A 71 17.72 7.37 15.64
C SER A 71 16.23 7.02 15.62
N THR A 72 15.72 6.59 14.48
CA THR A 72 14.32 6.18 14.39
C THR A 72 14.05 4.96 15.26
N ARG A 73 14.90 3.93 15.15
CA ARG A 73 14.73 2.74 15.96
C ARG A 73 14.85 3.05 17.44
N LYS A 74 15.83 3.88 17.82
CA LYS A 74 15.99 4.22 19.22
C LYS A 74 14.76 4.95 19.75
N PHE A 75 14.19 5.84 18.92
CA PHE A 75 12.96 6.54 19.28
C PHE A 75 11.78 5.59 19.43
N ASN A 76 11.61 4.70 18.45
CA ASN A 76 10.51 3.73 18.54
C ASN A 76 10.62 2.88 19.80
N GLU A 77 11.84 2.41 20.09
CA GLU A 77 12.08 1.65 21.30
C GLU A 77 11.82 2.46 22.57
N ALA A 78 12.37 3.67 22.62
CA ALA A 78 12.26 4.49 23.83
C ALA A 78 10.82 4.86 24.12
N ALA A 79 10.08 5.29 23.10
CA ALA A 79 8.70 5.70 23.30
C ALA A 79 7.85 4.50 23.70
N SER A 80 8.06 3.37 23.03
CA SER A 80 7.29 2.17 23.32
CA SER A 80 7.33 2.14 23.34
C SER A 80 7.59 1.64 24.74
N SER A 81 8.78 1.95 25.27
N SER A 81 8.77 1.97 25.29
CA SER A 81 9.16 1.53 26.61
CA SER A 81 9.16 1.52 26.63
C SER A 81 8.51 2.34 27.73
C SER A 81 8.66 2.43 27.76
N LEU A 82 8.08 3.57 27.41
CA LEU A 82 7.53 4.49 28.41
C LEU A 82 6.21 3.99 28.94
N ASP A 83 5.88 4.40 30.16
CA ASP A 83 4.64 4.00 30.79
C ASP A 83 3.43 4.45 29.95
N ASN A 84 2.48 3.53 29.78
CA ASN A 84 1.21 3.85 29.15
C ASN A 84 1.36 4.58 27.80
N THR A 85 2.17 4.01 26.93
CA THR A 85 2.44 4.60 25.63
C THR A 85 2.49 3.50 24.60
N VAL A 86 1.87 3.74 23.45
CA VAL A 86 1.96 2.87 22.29
C VAL A 86 2.47 3.68 21.12
N VAL A 87 3.40 3.08 20.38
CA VAL A 87 3.90 3.66 19.13
C VAL A 87 3.21 2.94 17.97
N ILE A 88 2.53 3.73 17.15
CA ILE A 88 1.80 3.25 15.99
C ILE A 88 2.48 3.81 14.76
N VAL A 89 3.01 2.93 13.92
CA VAL A 89 3.69 3.34 12.73
CA VAL A 89 3.72 3.35 12.70
C VAL A 89 2.74 3.21 11.55
N VAL A 90 2.43 4.34 10.93
CA VAL A 90 1.36 4.46 9.96
C VAL A 90 1.97 4.66 8.59
N SER A 91 1.57 3.83 7.63
CA SER A 91 2.02 3.99 6.26
C SER A 91 1.05 3.24 5.34
N ALA A 92 1.31 3.38 4.04
CA ALA A 92 0.55 2.68 3.00
C ALA A 92 1.00 1.24 2.79
N ASP A 93 2.11 0.85 3.41
CA ASP A 93 2.63 -0.50 3.23
C ASP A 93 1.59 -1.51 3.64
N LEU A 94 1.43 -2.59 2.88
CA LEU A 94 0.53 -3.65 3.33
C LEU A 94 1.12 -4.35 4.54
N PRO A 95 0.24 -4.94 5.37
CA PRO A 95 0.71 -5.69 6.52
C PRO A 95 1.66 -6.83 6.13
N PHE A 96 1.52 -7.35 4.91
CA PHE A 96 2.37 -8.43 4.41
C PHE A 96 3.84 -8.02 4.42
N ALA A 97 4.11 -6.71 4.25
CA ALA A 97 5.49 -6.23 4.16
C ALA A 97 6.18 -6.03 5.50
N ALA A 98 5.42 -6.15 6.60
CA ALA A 98 5.96 -5.76 7.93
C ALA A 98 7.20 -6.56 8.33
N THR A 99 7.33 -7.78 7.81
CA THR A 99 8.53 -8.58 8.02
C THR A 99 9.82 -7.86 7.60
N ARG A 100 9.72 -6.93 6.65
CA ARG A 100 10.86 -6.17 6.14
C ARG A 100 10.99 -4.75 6.72
N PHE A 101 10.20 -4.39 7.74
CA PHE A 101 10.24 -3.02 8.24
C PHE A 101 11.48 -2.79 9.08
N CYS A 102 12.44 -2.09 8.50
CA CYS A 102 13.72 -1.82 9.13
C CYS A 102 13.59 -1.14 10.51
N THR A 103 12.67 -0.19 10.61
CA THR A 103 12.56 0.63 11.81
C THR A 103 11.76 -0.01 12.94
N THR A 104 11.11 -1.14 12.68
CA THR A 104 10.32 -1.82 13.71
C THR A 104 10.83 -3.22 14.06
N GLU A 105 11.80 -3.71 13.28
CA GLU A 105 12.41 -5.02 13.51
C GLU A 105 12.82 -5.18 14.96
N GLY A 106 12.41 -6.29 15.58
CA GLY A 106 12.81 -6.60 16.96
C GLY A 106 12.15 -5.75 18.03
N LEU A 107 11.17 -4.93 17.65
CA LEU A 107 10.47 -4.08 18.61
C LEU A 107 9.03 -4.52 18.64
N ALA A 108 8.75 -5.55 19.42
CA ALA A 108 7.49 -6.27 19.37
C ALA A 108 6.27 -5.44 19.78
N ASN A 109 6.48 -4.41 20.58
CA ASN A 109 5.39 -3.59 21.08
C ASN A 109 4.97 -2.47 20.11
N VAL A 110 5.79 -2.21 19.09
CA VAL A 110 5.46 -1.18 18.09
C VAL A 110 4.38 -1.77 17.21
N VAL A 111 3.32 -1.00 16.98
CA VAL A 111 2.16 -1.47 16.23
C VAL A 111 2.17 -0.88 14.83
N THR A 112 2.21 -1.73 13.81
CA THR A 112 2.10 -1.26 12.43
C THR A 112 0.62 -1.09 12.06
N ALA A 113 0.33 -0.07 11.28
CA ALA A 113 -1.05 0.26 10.96
C ALA A 113 -1.10 0.80 9.54
N SER A 114 -1.73 0.06 8.64
CA SER A 114 -1.72 0.39 7.22
C SER A 114 -2.95 1.16 6.77
N THR A 115 -2.73 2.07 5.85
CA THR A 115 -3.82 2.88 5.26
C THR A 115 -4.52 2.19 4.09
N PHE A 116 -4.11 0.97 3.73
CA PHE A 116 -4.57 0.46 2.43
C PHE A 116 -6.07 0.29 2.34
N ARG A 117 -6.74 -0.08 3.43
CA ARG A 117 -8.15 -0.44 3.36
C ARG A 117 -9.05 0.77 3.26
N THR A 118 -8.64 1.89 3.85
CA THR A 118 -9.41 3.12 3.77
C THR A 118 -8.78 4.17 2.84
N GLY A 119 -7.75 3.82 2.09
CA GLY A 119 -7.24 4.66 1.03
C GLY A 119 -6.62 5.92 1.59
N ARG A 120 -7.02 7.07 1.05
CA ARG A 120 -6.48 8.36 1.47
C ARG A 120 -7.15 8.95 2.69
N ALA A 121 -8.08 8.23 3.33
CA ALA A 121 -8.82 8.80 4.44
C ALA A 121 -7.94 9.25 5.59
N PHE A 122 -7.03 8.39 6.07
CA PHE A 122 -6.17 8.78 7.18
C PHE A 122 -5.33 9.98 6.79
N ALA A 123 -4.66 9.88 5.64
CA ALA A 123 -3.72 10.91 5.26
C ALA A 123 -4.42 12.26 5.09
N ASN A 124 -5.59 12.24 4.49
CA ASN A 124 -6.32 13.47 4.28
C ASN A 124 -6.77 14.04 5.62
N ALA A 125 -7.24 13.18 6.53
CA ALA A 125 -7.66 13.65 7.86
C ALA A 125 -6.51 14.26 8.66
N TYR A 126 -5.27 13.83 8.39
CA TYR A 126 -4.09 14.29 9.11
C TYR A 126 -3.26 15.30 8.31
N GLY A 127 -3.74 15.74 7.16
CA GLY A 127 -3.01 16.71 6.37
C GLY A 127 -1.68 16.23 5.81
N VAL A 128 -1.57 14.93 5.56
CA VAL A 128 -0.32 14.32 5.08
C VAL A 128 -0.57 13.54 3.77
N ASP A 129 -1.65 13.85 3.07
CA ASP A 129 -2.02 13.16 1.82
C ASP A 129 -1.21 13.73 0.67
N VAL A 130 -0.14 13.07 0.29
CA VAL A 130 0.66 13.55 -0.84
C VAL A 130 -0.11 13.31 -2.12
N THR A 131 -0.26 14.36 -2.94
CA THR A 131 -1.07 14.25 -4.16
C THR A 131 -0.28 14.48 -5.46
N SER A 132 1.02 14.65 -5.36
CA SER A 132 1.87 14.94 -6.55
C SER A 132 3.18 14.19 -6.46
N GLY A 133 3.79 13.97 -7.62
CA GLY A 133 5.11 13.38 -7.69
C GLY A 133 5.13 11.89 -7.35
N PRO A 134 6.33 11.33 -7.19
CA PRO A 134 6.44 9.88 -6.97
C PRO A 134 5.78 9.38 -5.68
N LEU A 135 5.61 10.24 -4.68
CA LEU A 135 4.99 9.82 -3.41
C LEU A 135 3.48 10.06 -3.38
N ASN A 136 2.90 10.48 -4.49
CA ASN A 136 1.45 10.59 -4.64
C ASN A 136 0.77 9.29 -4.21
N GLY A 137 -0.13 9.39 -3.22
CA GLY A 137 -0.81 8.22 -2.67
C GLY A 137 -0.19 7.63 -1.42
N LEU A 138 0.94 8.18 -1.00
CA LEU A 138 1.56 7.82 0.28
C LEU A 138 1.34 8.95 1.27
N THR A 139 1.59 8.65 2.54
CA THR A 139 1.63 9.71 3.56
C THR A 139 2.95 10.44 3.51
N ALA A 140 2.92 11.72 3.82
CA ALA A 140 4.14 12.48 4.10
C ALA A 140 4.78 11.99 5.39
N ARG A 141 5.90 12.58 5.80
CA ARG A 141 6.61 12.20 7.01
CA ARG A 141 6.59 12.17 7.03
C ARG A 141 6.17 13.12 8.15
N ALA A 142 5.67 12.55 9.23
CA ALA A 142 5.20 13.33 10.37
C ALA A 142 5.23 12.53 11.65
N VAL A 143 5.31 13.23 12.77
CA VAL A 143 5.14 12.60 14.07
C VAL A 143 4.08 13.38 14.85
N VAL A 144 3.06 12.67 15.31
CA VAL A 144 1.98 13.28 16.06
C VAL A 144 1.84 12.50 17.35
N VAL A 145 1.91 13.20 18.48
CA VAL A 145 1.81 12.56 19.79
C VAL A 145 0.51 12.99 20.42
N LEU A 146 -0.23 12.00 20.89
CA LEU A 146 -1.53 12.18 21.55
C LEU A 146 -1.43 11.81 23.02
N ASP A 147 -2.11 12.58 23.87
CA ASP A 147 -2.22 12.20 25.27
C ASP A 147 -3.28 11.12 25.47
N ALA A 148 -3.51 10.75 26.74
CA ALA A 148 -4.42 9.67 27.06
C ALA A 148 -5.87 9.96 26.70
N GLN A 149 -6.19 11.22 26.42
CA GLN A 149 -7.54 11.58 25.99
CA GLN A 149 -7.52 11.66 26.02
C GLN A 149 -7.58 12.02 24.53
N ASP A 150 -6.53 11.64 23.79
CA ASP A 150 -6.42 11.84 22.33
C ASP A 150 -6.32 13.30 21.90
N LYS A 151 -5.88 14.16 22.81
CA LYS A 151 -5.49 15.51 22.47
C LYS A 151 -4.08 15.51 21.91
N VAL A 152 -3.88 16.28 20.85
CA VAL A 152 -2.55 16.44 20.26
C VAL A 152 -1.67 17.26 21.21
N ILE A 153 -0.58 16.65 21.65
CA ILE A 153 0.39 17.36 22.49
C ILE A 153 1.70 17.69 21.78
N HIS A 154 1.95 17.06 20.64
CA HIS A 154 3.11 17.37 19.82
C HIS A 154 2.75 17.02 18.40
N ALA A 155 3.13 17.86 17.44
CA ALA A 155 2.88 17.55 16.03
C ALA A 155 3.95 18.18 15.17
N GLU A 156 4.65 17.37 14.39
CA GLU A 156 5.64 17.87 13.45
C GLU A 156 5.37 17.28 12.07
N LEU A 157 5.14 18.16 11.11
CA LEU A 157 5.09 17.80 9.71
C LEU A 157 6.50 18.10 9.17
N VAL A 158 7.28 17.06 8.88
CA VAL A 158 8.70 17.25 8.58
C VAL A 158 8.84 18.02 7.28
N GLY A 159 9.65 19.08 7.29
CA GLY A 159 9.74 19.98 6.14
C GLY A 159 10.24 19.36 4.88
N GLU A 160 11.18 18.44 5.02
CA GLU A 160 11.77 17.70 3.92
C GLU A 160 11.56 16.21 4.21
N ILE A 161 10.95 15.51 3.28
CA ILE A 161 10.65 14.06 3.43
C ILE A 161 11.89 13.26 3.80
N LYS A 162 13.03 13.59 3.20
CA LYS A 162 14.25 12.82 3.43
C LYS A 162 14.91 13.11 4.78
N ASP A 163 14.43 14.11 5.53
CA ASP A 163 15.00 14.45 6.84
C ASP A 163 14.33 13.66 7.96
N GLU A 164 15.04 13.53 9.07
CA GLU A 164 14.45 12.90 10.24
C GLU A 164 13.58 13.89 11.02
N PRO A 165 12.51 13.39 11.63
CA PRO A 165 11.79 14.17 12.60
C PRO A 165 12.65 14.56 13.82
N ASN A 166 12.18 15.57 14.53
CA ASN A 166 12.70 15.89 15.86
C ASN A 166 12.15 14.87 16.85
N TYR A 167 12.80 13.71 16.90
CA TYR A 167 12.39 12.67 17.82
C TYR A 167 12.60 13.09 19.25
N ASP A 168 13.63 13.90 19.54
CA ASP A 168 13.87 14.33 20.90
C ASP A 168 12.69 15.12 21.44
N ALA A 169 12.09 15.98 20.61
CA ALA A 169 10.94 16.77 21.03
C ALA A 169 9.71 15.88 21.23
N ALA A 170 9.51 14.94 20.32
CA ALA A 170 8.35 14.05 20.46
C ALA A 170 8.44 13.21 21.74
N LEU A 171 9.62 12.66 22.01
CA LEU A 171 9.79 11.83 23.21
C LEU A 171 9.64 12.66 24.46
N ALA A 172 10.22 13.86 24.47
CA ALA A 172 10.18 14.70 25.66
C ALA A 172 8.79 15.17 25.97
N ALA A 173 7.89 15.21 24.97
CA ALA A 173 6.51 15.59 25.20
C ALA A 173 5.76 14.59 26.08
N LEU A 174 6.29 13.37 26.19
CA LEU A 174 5.66 12.29 26.96
C LEU A 174 6.14 12.20 28.40
N LYS A 175 7.08 13.07 28.76
CA LYS A 175 7.57 13.18 30.14
C LYS A 175 6.65 14.17 30.79
N SER B 10 -22.95 -17.57 -7.02
CA SER B 10 -21.52 -18.00 -7.11
C SER B 10 -20.55 -16.96 -6.54
N LYS B 11 -20.70 -16.63 -5.26
CA LYS B 11 -19.73 -15.78 -4.58
C LYS B 11 -18.37 -16.48 -4.57
N VAL B 12 -17.33 -15.67 -4.71
CA VAL B 12 -15.95 -16.07 -4.45
C VAL B 12 -15.85 -16.40 -2.95
N THR B 13 -14.98 -17.36 -2.64
CA THR B 13 -14.75 -17.79 -1.27
C THR B 13 -13.27 -17.68 -0.89
N LEU B 14 -13.03 -17.59 0.41
CA LEU B 14 -11.70 -17.69 0.98
C LEU B 14 -11.76 -18.79 2.03
N GLY B 15 -11.03 -19.86 1.79
CA GLY B 15 -11.14 -21.04 2.64
C GLY B 15 -12.55 -21.60 2.67
N GLY B 16 -13.29 -21.42 1.58
CA GLY B 16 -14.65 -21.90 1.47
C GLY B 16 -15.70 -20.96 2.04
N ASN B 17 -15.25 -19.84 2.64
CA ASN B 17 -16.14 -18.86 3.22
C ASN B 17 -16.43 -17.75 2.23
N PRO B 18 -17.71 -17.53 1.90
CA PRO B 18 -18.03 -16.45 0.97
C PRO B 18 -17.47 -15.11 1.42
N ILE B 19 -16.98 -14.35 0.44
CA ILE B 19 -16.59 -12.96 0.61
C ILE B 19 -17.34 -12.09 -0.38
N ASP B 20 -17.40 -10.81 -0.09
CA ASP B 20 -18.09 -9.85 -0.94
C ASP B 20 -17.11 -9.18 -1.88
N LEU B 21 -17.48 -9.13 -3.17
CA LEU B 21 -16.75 -8.38 -4.20
C LEU B 21 -17.67 -7.31 -4.78
N ALA B 22 -17.11 -6.11 -4.99
CA ALA B 22 -17.82 -5.04 -5.64
C ALA B 22 -17.36 -4.87 -7.09
N GLY B 23 -18.26 -4.35 -7.92
CA GLY B 23 -18.00 -4.13 -9.33
C GLY B 23 -18.42 -5.35 -10.14
N THR B 24 -18.31 -5.22 -11.46
CA THR B 24 -18.72 -6.25 -12.38
C THR B 24 -17.50 -6.77 -13.11
N PHE B 25 -17.30 -8.08 -13.05
CA PHE B 25 -16.14 -8.72 -13.67
C PHE B 25 -16.26 -8.65 -15.19
N PRO B 26 -15.15 -8.43 -15.90
CA PRO B 26 -15.28 -8.25 -17.38
C PRO B 26 -15.68 -9.49 -18.12
N ALA B 27 -16.42 -9.30 -19.21
CA ALA B 27 -16.83 -10.36 -20.12
C ALA B 27 -15.88 -10.44 -21.30
N VAL B 28 -15.66 -11.65 -21.80
CA VAL B 28 -14.95 -11.82 -23.04
C VAL B 28 -15.66 -11.02 -24.14
N GLY B 29 -14.85 -10.33 -24.94
CA GLY B 29 -15.31 -9.44 -26.00
C GLY B 29 -15.39 -7.98 -25.61
N ALA B 30 -15.33 -7.68 -24.33
CA ALA B 30 -15.49 -6.29 -23.88
C ALA B 30 -14.21 -5.51 -24.06
N GLN B 31 -14.36 -4.21 -24.26
CA GLN B 31 -13.27 -3.27 -24.08
C GLN B 31 -12.86 -3.25 -22.61
N ALA B 32 -11.58 -3.50 -22.33
CA ALA B 32 -11.07 -3.42 -20.96
C ALA B 32 -11.13 -2.01 -20.41
N ALA B 33 -11.44 -1.89 -19.13
CA ALA B 33 -11.38 -0.61 -18.46
C ALA B 33 -9.94 -0.13 -18.30
N ASP B 34 -9.72 1.15 -18.49
CA ASP B 34 -8.42 1.74 -18.28
C ASP B 34 -8.18 1.94 -16.79
N PHE B 35 -6.94 2.26 -16.47
CA PHE B 35 -6.49 2.36 -15.10
C PHE B 35 -5.26 3.26 -15.01
N LYS B 36 -4.94 3.66 -13.80
CA LYS B 36 -3.69 4.33 -13.48
C LYS B 36 -3.11 3.56 -12.30
N LEU B 37 -2.23 2.61 -12.63
CA LEU B 37 -1.55 1.78 -11.65
C LEU B 37 -0.13 2.31 -11.48
N VAL B 38 0.63 1.81 -10.51
CA VAL B 38 1.95 2.38 -10.22
C VAL B 38 3.02 1.32 -10.39
N GLY B 39 4.02 1.61 -11.22
CA GLY B 39 5.13 0.70 -11.46
C GLY B 39 6.16 0.75 -10.36
N LYS B 40 7.16 -0.12 -10.47
CA LYS B 40 8.08 -0.30 -9.36
C LYS B 40 8.97 0.93 -9.17
N ASP B 41 9.05 1.82 -10.17
CA ASP B 41 9.74 3.11 -10.08
C ASP B 41 8.84 4.30 -9.73
N LEU B 42 7.61 4.01 -9.29
CA LEU B 42 6.63 5.00 -8.81
C LEU B 42 5.95 5.80 -9.91
N ALA B 43 6.20 5.45 -11.17
CA ALA B 43 5.52 6.10 -12.29
C ALA B 43 4.16 5.45 -12.55
N ASP B 44 3.27 6.21 -13.19
CA ASP B 44 1.92 5.74 -13.53
C ASP B 44 1.94 4.87 -14.78
N LEU B 45 1.14 3.81 -14.74
CA LEU B 45 0.95 2.90 -15.84
C LEU B 45 -0.51 2.85 -16.20
N SER B 46 -0.81 2.94 -17.49
CA SER B 46 -2.17 2.85 -18.01
C SER B 46 -2.16 1.88 -19.19
N LEU B 47 -3.31 1.66 -19.80
CA LEU B 47 -3.34 0.75 -20.96
C LEU B 47 -2.39 1.22 -22.05
N ALA B 48 -2.29 2.53 -22.26
CA ALA B 48 -1.40 3.10 -23.28
C ALA B 48 0.09 2.79 -23.03
N SER B 49 0.45 2.55 -21.78
CA SER B 49 1.82 2.16 -21.43
C SER B 49 2.22 0.84 -22.05
N PHE B 50 1.24 0.07 -22.47
CA PHE B 50 1.45 -1.26 -23.02
C PHE B 50 0.88 -1.37 -24.43
N ALA B 51 0.79 -0.24 -25.13
CA ALA B 51 0.22 -0.21 -26.46
C ALA B 51 0.94 -1.17 -27.39
N GLY B 52 0.16 -1.87 -28.22
CA GLY B 52 0.69 -2.75 -29.25
C GLY B 52 0.95 -4.17 -28.80
N LYS B 53 0.83 -4.44 -27.50
CA LYS B 53 1.11 -5.76 -26.92
C LYS B 53 -0.17 -6.42 -26.47
N ARG B 54 -0.17 -7.75 -26.49
CA ARG B 54 -1.15 -8.49 -25.70
C ARG B 54 -0.76 -8.37 -24.24
N LYS B 55 -1.75 -8.36 -23.36
CA LYS B 55 -1.51 -8.15 -21.93
C LYS B 55 -2.19 -9.24 -21.13
N VAL B 56 -1.45 -9.80 -20.18
CA VAL B 56 -2.05 -10.68 -19.19
C VAL B 56 -2.11 -9.90 -17.88
N LEU B 57 -3.31 -9.60 -17.40
CA LEU B 57 -3.48 -8.98 -16.07
C LEU B 57 -3.56 -10.13 -15.08
N ASN B 58 -2.51 -10.32 -14.31
CA ASN B 58 -2.46 -11.39 -13.31
C ASN B 58 -2.72 -10.71 -12.00
N ILE B 59 -3.96 -10.85 -11.53
CA ILE B 59 -4.50 -10.05 -10.42
C ILE B 59 -4.50 -10.89 -9.16
N VAL B 60 -3.80 -10.43 -8.13
CA VAL B 60 -3.52 -11.27 -6.95
C VAL B 60 -3.72 -10.46 -5.67
N PRO B 61 -4.32 -11.05 -4.61
CA PRO B 61 -4.49 -10.28 -3.38
C PRO B 61 -3.16 -9.72 -2.86
N SER B 62 -2.14 -10.57 -2.81
CA SER B 62 -0.77 -10.09 -2.56
C SER B 62 0.28 -11.01 -3.15
N LEU B 63 1.33 -10.41 -3.69
CA LEU B 63 2.51 -11.15 -4.18
C LEU B 63 3.60 -11.17 -3.10
N ASP B 64 3.30 -10.65 -1.91
CA ASP B 64 4.28 -10.50 -0.83
C ASP B 64 3.99 -11.51 0.27
N THR B 65 3.76 -12.77 -0.10
CA THR B 65 3.42 -13.77 0.89
C THR B 65 4.72 -14.40 1.42
N PRO B 66 4.68 -14.93 2.65
CA PRO B 66 5.90 -15.53 3.19
C PRO B 66 6.45 -16.66 2.32
N THR B 67 5.57 -17.45 1.73
CA THR B 67 5.95 -18.54 0.86
C THR B 67 5.73 -18.16 -0.60
N CYS B 68 6.67 -18.53 -1.46
CA CYS B 68 6.63 -18.16 -2.87
CA CYS B 68 6.63 -18.16 -2.87
C CYS B 68 5.59 -18.95 -3.64
N ALA B 69 4.78 -18.24 -4.43
CA ALA B 69 3.81 -18.86 -5.33
C ALA B 69 4.57 -19.26 -6.61
N THR B 70 5.38 -20.30 -6.50
CA THR B 70 6.26 -20.75 -7.59
C THR B 70 5.55 -21.00 -8.91
N SER B 71 4.37 -21.62 -8.83
CA SER B 71 3.60 -21.91 -10.05
CA SER B 71 3.58 -21.90 -10.04
C SER B 71 3.20 -20.63 -10.79
N THR B 72 3.01 -19.53 -10.05
CA THR B 72 2.71 -18.23 -10.64
CA THR B 72 2.71 -18.25 -10.66
C THR B 72 3.96 -17.67 -11.32
N ARG B 73 5.15 -17.92 -10.73
CA ARG B 73 6.38 -17.53 -11.41
C ARG B 73 6.45 -18.24 -12.77
N LYS B 74 6.23 -19.55 -12.80
CA LYS B 74 6.30 -20.28 -14.07
C LYS B 74 5.30 -19.74 -15.09
N PHE B 75 4.09 -19.46 -14.64
CA PHE B 75 3.10 -18.88 -15.54
C PHE B 75 3.56 -17.51 -16.04
N ASN B 76 4.04 -16.66 -15.14
CA ASN B 76 4.53 -15.34 -15.54
C ASN B 76 5.62 -15.45 -16.59
N GLU B 77 6.54 -16.38 -16.40
CA GLU B 77 7.62 -16.60 -17.35
CA GLU B 77 7.63 -16.54 -17.37
C GLU B 77 7.10 -17.12 -18.68
N ALA B 78 6.22 -18.12 -18.63
CA ALA B 78 5.68 -18.70 -19.86
C ALA B 78 4.88 -17.68 -20.66
N ALA B 79 3.98 -16.95 -20.01
CA ALA B 79 3.15 -15.99 -20.74
C ALA B 79 3.98 -14.86 -21.36
N SER B 80 4.92 -14.35 -20.58
CA SER B 80 5.75 -13.25 -21.03
C SER B 80 6.72 -13.64 -22.11
N SER B 81 6.92 -14.93 -22.31
CA SER B 81 7.84 -15.43 -23.34
CA SER B 81 7.84 -15.44 -23.34
C SER B 81 7.09 -15.71 -24.64
N LEU B 82 5.77 -15.61 -24.61
CA LEU B 82 4.98 -15.77 -25.84
C LEU B 82 5.15 -14.51 -26.68
N ASP B 83 4.78 -14.59 -27.95
CA ASP B 83 4.96 -13.49 -28.89
CA ASP B 83 4.99 -13.48 -28.86
C ASP B 83 4.24 -12.23 -28.40
N ASN B 84 4.95 -11.11 -28.37
CA ASN B 84 4.32 -9.80 -28.17
C ASN B 84 3.33 -9.75 -27.01
N THR B 85 3.82 -10.13 -25.84
CA THR B 85 3.00 -10.27 -24.65
C THR B 85 3.72 -9.66 -23.46
N VAL B 86 2.97 -8.92 -22.65
CA VAL B 86 3.47 -8.45 -21.36
C VAL B 86 2.55 -8.99 -20.28
N VAL B 87 3.13 -9.44 -19.18
CA VAL B 87 2.35 -9.85 -18.00
C VAL B 87 2.40 -8.68 -17.01
N ILE B 88 1.22 -8.21 -16.63
CA ILE B 88 1.05 -7.11 -15.71
C ILE B 88 0.52 -7.69 -14.42
N VAL B 89 1.33 -7.66 -13.38
CA VAL B 89 0.98 -8.28 -12.11
C VAL B 89 0.40 -7.21 -11.22
N VAL B 90 -0.91 -7.28 -11.01
CA VAL B 90 -1.67 -6.22 -10.37
C VAL B 90 -2.02 -6.64 -8.95
N SER B 91 -1.71 -5.76 -7.98
CA SER B 91 -2.11 -6.00 -6.61
C SER B 91 -2.02 -4.70 -5.86
N ALA B 92 -2.43 -4.73 -4.60
CA ALA B 92 -2.34 -3.60 -3.68
C ALA B 92 -0.96 -3.46 -3.05
N ASP B 93 -0.07 -4.40 -3.29
CA ASP B 93 1.29 -4.30 -2.76
C ASP B 93 1.96 -3.02 -3.24
N LEU B 94 2.68 -2.32 -2.37
CA LEU B 94 3.38 -1.12 -2.84
C LEU B 94 4.53 -1.49 -3.76
N PRO B 95 4.94 -0.54 -4.63
CA PRO B 95 6.14 -0.76 -5.43
C PRO B 95 7.37 -1.14 -4.61
N PHE B 96 7.46 -0.70 -3.36
CA PHE B 96 8.61 -1.03 -2.50
C PHE B 96 8.68 -2.54 -2.28
N ALA B 97 7.53 -3.17 -2.09
CA ALA B 97 7.42 -4.63 -1.98
C ALA B 97 7.60 -5.36 -3.32
N ALA B 98 7.11 -4.74 -4.39
CA ALA B 98 7.14 -5.31 -5.74
C ALA B 98 8.55 -5.59 -6.23
N THR B 99 9.52 -4.79 -5.80
CA THR B 99 10.92 -5.02 -6.14
C THR B 99 11.46 -6.34 -5.57
N ARG B 100 10.75 -6.96 -4.64
CA ARG B 100 11.17 -8.24 -4.01
C ARG B 100 10.29 -9.46 -4.36
N PHE B 101 9.27 -9.28 -5.20
CA PHE B 101 8.35 -10.38 -5.47
C PHE B 101 9.07 -11.59 -6.08
N CYS B 102 8.96 -12.74 -5.44
CA CYS B 102 9.64 -13.92 -5.96
C CYS B 102 9.02 -14.37 -7.28
N THR B 103 7.80 -13.94 -7.59
CA THR B 103 7.15 -14.38 -8.84
C THR B 103 7.45 -13.51 -10.03
N THR B 104 8.09 -12.37 -9.83
CA THR B 104 8.35 -11.44 -10.90
C THR B 104 9.81 -11.06 -11.06
N GLU B 105 10.57 -11.08 -9.97
CA GLU B 105 11.92 -10.58 -10.06
C GLU B 105 12.74 -11.33 -11.11
N GLY B 106 13.46 -10.58 -11.93
CA GLY B 106 14.36 -11.13 -12.92
C GLY B 106 13.73 -11.44 -14.27
N LEU B 107 12.40 -11.34 -14.36
CA LEU B 107 11.69 -11.69 -15.60
C LEU B 107 11.37 -10.45 -16.45
N ALA B 108 11.97 -10.39 -17.64
CA ALA B 108 11.61 -9.39 -18.65
C ALA B 108 10.15 -9.54 -19.04
N ASN B 109 9.52 -8.43 -19.36
CA ASN B 109 8.16 -8.38 -19.81
C ASN B 109 7.18 -8.90 -18.77
N VAL B 110 7.58 -8.88 -17.50
CA VAL B 110 6.69 -9.06 -16.36
C VAL B 110 6.81 -7.79 -15.55
N VAL B 111 5.71 -7.06 -15.43
CA VAL B 111 5.70 -5.68 -14.92
C VAL B 111 4.73 -5.61 -13.75
N THR B 112 5.21 -5.17 -12.59
CA THR B 112 4.36 -5.00 -11.44
C THR B 112 3.61 -3.68 -11.52
N ALA B 113 2.38 -3.69 -11.02
CA ALA B 113 1.50 -2.52 -11.16
C ALA B 113 0.60 -2.47 -9.93
N SER B 114 0.81 -1.47 -9.08
CA SER B 114 0.12 -1.35 -7.82
C SER B 114 -1.13 -0.50 -7.90
N THR B 115 -2.15 -0.91 -7.15
CA THR B 115 -3.40 -0.16 -7.03
C THR B 115 -3.36 0.96 -5.99
N PHE B 116 -2.25 1.17 -5.29
CA PHE B 116 -2.32 2.03 -4.09
C PHE B 116 -2.72 3.46 -4.41
N ARG B 117 -2.27 3.99 -5.53
CA ARG B 117 -2.43 5.42 -5.78
C ARG B 117 -3.86 5.81 -6.16
N THR B 118 -4.58 4.90 -6.81
CA THR B 118 -5.98 5.13 -7.14
C THR B 118 -6.97 4.32 -6.29
N GLY B 119 -6.48 3.67 -5.25
CA GLY B 119 -7.35 3.04 -4.26
C GLY B 119 -8.11 1.86 -4.82
N ARG B 120 -9.43 1.88 -4.67
CA ARG B 120 -10.28 0.82 -5.14
C ARG B 120 -10.66 0.94 -6.60
N ALA B 121 -10.17 1.95 -7.31
CA ALA B 121 -10.61 2.21 -8.68
C ALA B 121 -10.39 1.04 -9.61
N PHE B 122 -9.19 0.49 -9.66
CA PHE B 122 -8.93 -0.63 -10.56
C PHE B 122 -9.82 -1.82 -10.18
N ALA B 123 -9.78 -2.20 -8.92
CA ALA B 123 -10.48 -3.40 -8.50
C ALA B 123 -11.97 -3.28 -8.77
N ASN B 124 -12.53 -2.11 -8.48
CA ASN B 124 -13.93 -1.91 -8.72
C ASN B 124 -14.28 -1.98 -10.23
N ALA B 125 -13.44 -1.38 -11.07
CA ALA B 125 -13.65 -1.41 -12.51
C ALA B 125 -13.57 -2.82 -13.06
N TYR B 126 -12.83 -3.71 -12.40
CA TYR B 126 -12.63 -5.08 -12.84
C TYR B 126 -13.46 -6.10 -12.05
N GLY B 127 -14.33 -5.64 -11.15
CA GLY B 127 -15.17 -6.54 -10.38
C GLY B 127 -14.41 -7.46 -9.45
N VAL B 128 -13.28 -6.97 -8.94
CA VAL B 128 -12.42 -7.77 -8.03
C VAL B 128 -12.15 -7.00 -6.74
N ASP B 129 -13.01 -6.04 -6.41
CA ASP B 129 -12.86 -5.21 -5.20
C ASP B 129 -13.40 -5.95 -3.99
N VAL B 130 -12.54 -6.61 -3.22
CA VAL B 130 -12.99 -7.32 -2.03
C VAL B 130 -13.39 -6.29 -0.96
N THR B 131 -14.60 -6.43 -0.43
CA THR B 131 -15.11 -5.46 0.54
C THR B 131 -15.42 -6.05 1.90
N SER B 132 -15.16 -7.34 2.10
CA SER B 132 -15.40 -7.98 3.41
C SER B 132 -14.24 -8.84 3.82
N GLY B 133 -14.10 -9.05 5.12
CA GLY B 133 -13.12 -9.97 5.67
C GLY B 133 -11.70 -9.41 5.63
N PRO B 134 -10.71 -10.25 5.91
CA PRO B 134 -9.31 -9.81 5.96
C PRO B 134 -8.79 -9.27 4.63
N LEU B 135 -9.34 -9.71 3.50
CA LEU B 135 -8.88 -9.22 2.20
C LEU B 135 -9.60 -7.95 1.75
N ASN B 136 -10.46 -7.41 2.59
CA ASN B 136 -11.13 -6.13 2.31
C ASN B 136 -10.08 -5.06 1.97
N GLY B 137 -10.18 -4.48 0.78
CA GLY B 137 -9.21 -3.49 0.29
C GLY B 137 -8.11 -4.03 -0.60
N LEU B 138 -8.08 -5.34 -0.78
CA LEU B 138 -7.22 -6.00 -1.75
C LEU B 138 -8.05 -6.41 -2.96
N THR B 139 -7.36 -6.78 -4.02
CA THR B 139 -8.01 -7.43 -5.16
C THR B 139 -8.28 -8.88 -4.85
N ALA B 140 -9.32 -9.42 -5.47
CA ALA B 140 -9.53 -10.87 -5.52
C ALA B 140 -8.51 -11.49 -6.47
N ARG B 141 -8.61 -12.77 -6.72
CA ARG B 141 -7.73 -13.48 -7.61
C ARG B 141 -8.37 -13.67 -8.98
N ALA B 142 -7.71 -13.20 -10.02
CA ALA B 142 -8.26 -13.26 -11.38
C ALA B 142 -7.14 -13.19 -12.39
N VAL B 143 -7.45 -13.69 -13.58
CA VAL B 143 -6.57 -13.55 -14.75
C VAL B 143 -7.42 -13.06 -15.90
N VAL B 144 -7.01 -11.93 -16.46
CA VAL B 144 -7.72 -11.31 -17.59
C VAL B 144 -6.72 -11.06 -18.70
N VAL B 145 -6.96 -11.64 -19.88
CA VAL B 145 -6.07 -11.47 -21.03
C VAL B 145 -6.68 -10.53 -22.03
N LEU B 146 -5.87 -9.55 -22.46
CA LEU B 146 -6.27 -8.53 -23.42
C LEU B 146 -5.47 -8.65 -24.70
N ASP B 147 -6.11 -8.40 -25.84
CA ASP B 147 -5.36 -8.32 -27.09
C ASP B 147 -4.71 -6.93 -27.24
N ALA B 148 -4.06 -6.69 -28.38
CA ALA B 148 -3.33 -5.45 -28.56
C ALA B 148 -4.22 -4.22 -28.44
N GLN B 149 -5.49 -4.36 -28.79
CA GLN B 149 -6.43 -3.24 -28.67
C GLN B 149 -7.32 -3.30 -27.45
N ASP B 150 -6.89 -4.08 -26.47
CA ASP B 150 -7.51 -4.12 -25.16
C ASP B 150 -8.91 -4.70 -25.15
N LYS B 151 -9.21 -5.57 -26.12
CA LYS B 151 -10.38 -6.43 -26.06
C LYS B 151 -10.07 -7.62 -25.14
N VAL B 152 -10.99 -7.94 -24.24
CA VAL B 152 -10.84 -9.09 -23.37
C VAL B 152 -10.99 -10.37 -24.19
N ILE B 153 -9.94 -11.19 -24.22
CA ILE B 153 -9.99 -12.47 -24.92
C ILE B 153 -10.07 -13.67 -23.98
N HIS B 154 -9.82 -13.47 -22.69
CA HIS B 154 -9.95 -14.52 -21.70
C HIS B 154 -10.16 -13.81 -20.37
N ALA B 155 -11.03 -14.34 -19.52
CA ALA B 155 -11.23 -13.75 -18.20
C ALA B 155 -11.70 -14.82 -17.23
N GLU B 156 -10.98 -14.96 -16.13
CA GLU B 156 -11.32 -15.91 -15.10
C GLU B 156 -11.29 -15.24 -13.74
N LEU B 157 -12.40 -15.27 -13.01
CA LEU B 157 -12.48 -14.86 -11.61
C LEU B 157 -12.43 -16.16 -10.82
N VAL B 158 -11.32 -16.38 -10.11
CA VAL B 158 -11.09 -17.68 -9.48
C VAL B 158 -12.09 -17.83 -8.33
N GLY B 159 -12.80 -18.95 -8.29
CA GLY B 159 -13.90 -19.09 -7.34
C GLY B 159 -13.47 -19.16 -5.90
N GLU B 160 -12.32 -19.76 -5.64
CA GLU B 160 -11.72 -19.84 -4.31
C GLU B 160 -10.37 -19.13 -4.38
N ILE B 161 -10.18 -18.14 -3.52
CA ILE B 161 -8.98 -17.30 -3.53
C ILE B 161 -7.71 -18.13 -3.44
N LYS B 162 -7.75 -19.19 -2.65
CA LYS B 162 -6.56 -20.03 -2.43
C LYS B 162 -6.20 -20.91 -3.62
N ASP B 163 -7.12 -21.07 -4.58
CA ASP B 163 -6.89 -21.95 -5.71
C ASP B 163 -6.07 -21.30 -6.83
N GLU B 164 -5.40 -22.12 -7.62
CA GLU B 164 -4.68 -21.63 -8.80
C GLU B 164 -5.66 -21.29 -9.91
N PRO B 165 -5.42 -20.20 -10.64
CA PRO B 165 -6.15 -19.97 -11.87
C PRO B 165 -5.93 -21.07 -12.90
N ASN B 166 -6.79 -21.07 -13.89
CA ASN B 166 -6.60 -21.89 -15.08
C ASN B 166 -5.58 -21.22 -15.98
N TYR B 167 -4.32 -21.40 -15.62
CA TYR B 167 -3.24 -20.79 -16.35
CA TYR B 167 -3.21 -20.82 -16.36
C TYR B 167 -3.15 -21.37 -17.77
N ASP B 168 -3.49 -22.64 -17.92
CA ASP B 168 -3.48 -23.26 -19.25
C ASP B 168 -4.41 -22.52 -20.22
N ALA B 169 -5.59 -22.15 -19.74
CA ALA B 169 -6.55 -21.44 -20.58
C ALA B 169 -6.03 -20.05 -20.95
N ALA B 170 -5.42 -19.36 -20.01
CA ALA B 170 -4.89 -18.03 -20.29
C ALA B 170 -3.74 -18.09 -21.30
N LEU B 171 -2.83 -19.04 -21.13
CA LEU B 171 -1.75 -19.21 -22.09
C LEU B 171 -2.27 -19.56 -23.47
N ALA B 172 -3.25 -20.48 -23.53
CA ALA B 172 -3.78 -20.92 -24.83
C ALA B 172 -4.50 -19.82 -25.57
N ALA B 173 -5.06 -18.85 -24.86
CA ALA B 173 -5.73 -17.71 -25.48
C ALA B 173 -4.77 -16.82 -26.29
N LEU B 174 -3.48 -16.91 -25.98
CA LEU B 174 -2.43 -16.13 -26.64
C LEU B 174 -1.74 -16.87 -27.78
N LYS B 175 -2.09 -18.13 -28.00
CA LYS B 175 -1.46 -18.99 -29.02
C LYS B 175 -2.13 -18.78 -30.36
C1 EDO C . -12.98 -3.86 -28.45
O1 EDO C . -12.70 -4.79 -29.51
C2 EDO C . -11.70 -3.30 -27.83
O2 EDO C . -10.58 -3.50 -28.70
#